data_8Q1Q
#
_entry.id   8Q1Q
#
_cell.length_a   103.44
_cell.length_b   103.44
_cell.length_c   55.675
_cell.angle_alpha   90
_cell.angle_beta   90
_cell.angle_gamma   120
#
_symmetry.space_group_name_H-M   'P 61'
#
loop_
_entity.id
_entity.type
_entity.pdbx_description
1 polymer 'Kelch-like ECH-associated protein 1'
2 polymer 'Stapled peptide'
3 non-polymer 'SULFATE ION'
4 non-polymer 'ethyl 2-[(4,6-diethylpyrimidin-2-yl)-methyl-amino]ethanoate'
5 water water
#
loop_
_entity_poly.entity_id
_entity_poly.type
_entity_poly.pdbx_seq_one_letter_code
_entity_poly.pdbx_strand_id
1 'polypeptide(L)'
;PKVGRLIYTAGGYFRQSLSYLEAYNPSNGSWLRLADLQVPRSGLAGCVVGGLLYAVGGRNNSPDGNTDSSALDCYNPMTN
QWSPCASMSVPRNRIGVGVIDGHIYAVGGSHGCIHHSSVERYEPERDEWHLVAPMLTRRIGVGVAVLNRLLYAVGGFDGT
NRLNSAECYYPERNEWRMITPMNTIRSGAGVCVLHNCIYAAGGYDGQDQLNSVERYDVETETWTFVAPMRHHRSALGITV
HQGKIYVLGGYDGHTFLDSVECYDPDSDTWSEVTRMTSGRSGVGVAVTMEPCRKQIDQQNCTC
;
A
2 'polypeptide(L)' (ACE)CLQLDPETGECL(NH2) D
#
# COMPACT_ATOMS: atom_id res chain seq x y z
N GLY A 4 -18.44 14.73 -1.64
CA GLY A 4 -18.00 13.82 -0.58
C GLY A 4 -16.85 12.95 -1.03
N ARG A 5 -16.08 12.45 -0.06
CA ARG A 5 -14.92 11.60 -0.37
C ARG A 5 -15.14 10.11 -0.04
N LEU A 6 -14.62 9.25 -0.92
CA LEU A 6 -14.74 7.83 -0.77
C LEU A 6 -13.39 7.16 -0.68
N ILE A 7 -13.36 6.00 -0.06
CA ILE A 7 -12.18 5.17 0.02
C ILE A 7 -12.24 4.17 -1.14
N TYR A 8 -11.34 4.29 -2.09
CA TYR A 8 -11.32 3.40 -3.26
C TYR A 8 -10.41 2.23 -3.01
N THR A 9 -10.82 1.01 -3.41
CA THR A 9 -9.96 -0.18 -3.33
C THR A 9 -9.89 -0.78 -4.72
N ALA A 10 -8.67 -0.94 -5.18
CA ALA A 10 -8.42 -1.41 -6.53
C ALA A 10 -7.64 -2.68 -6.51
N GLY A 11 -8.04 -3.63 -7.34
CA GLY A 11 -7.30 -4.88 -7.46
C GLY A 11 -7.33 -5.78 -6.25
N GLY A 12 -6.25 -6.53 -6.08
CA GLY A 12 -6.15 -7.46 -4.97
C GLY A 12 -6.11 -8.91 -5.44
N TYR A 13 -6.20 -9.82 -4.48
CA TYR A 13 -6.12 -11.24 -4.80
C TYR A 13 -7.04 -12.08 -3.96
N PHE A 14 -7.66 -13.04 -4.62
CA PHE A 14 -8.45 -14.10 -4.03
C PHE A 14 -8.58 -15.12 -5.12
N ARG A 15 -7.85 -16.24 -5.00
CA ARG A 15 -7.77 -17.33 -5.98
C ARG A 15 -6.88 -16.93 -7.15
N GLN A 16 -7.04 -15.71 -7.65
CA GLN A 16 -6.21 -15.10 -8.68
C GLN A 16 -6.19 -13.57 -8.46
N SER A 17 -5.31 -12.85 -9.19
CA SER A 17 -5.35 -11.38 -9.12
C SER A 17 -6.67 -10.88 -9.71
N LEU A 18 -7.15 -9.79 -9.14
CA LEU A 18 -8.45 -9.24 -9.39
C LEU A 18 -8.41 -7.93 -10.12
N SER A 19 -9.52 -7.61 -10.81
N SER A 19 -9.52 -7.61 -10.78
CA SER A 19 -9.61 -6.32 -11.48
CA SER A 19 -9.67 -6.33 -11.48
C SER A 19 -10.71 -5.44 -10.87
C SER A 19 -10.61 -5.35 -10.79
N TYR A 20 -11.18 -5.74 -9.64
CA TYR A 20 -12.19 -4.94 -9.00
C TYR A 20 -11.76 -3.50 -8.68
N LEU A 21 -12.68 -2.56 -8.88
CA LEU A 21 -12.54 -1.22 -8.33
C LEU A 21 -13.81 -0.99 -7.56
N GLU A 22 -13.70 -0.85 -6.24
CA GLU A 22 -14.90 -0.62 -5.41
C GLU A 22 -14.63 0.58 -4.50
N ALA A 23 -15.67 1.35 -4.16
CA ALA A 23 -15.49 2.54 -3.36
C ALA A 23 -16.43 2.49 -2.16
N TYR A 24 -15.88 2.72 -0.99
CA TYR A 24 -16.61 2.72 0.27
C TYR A 24 -16.90 4.15 0.73
N ASN A 25 -18.15 4.42 1.16
CA ASN A 25 -18.51 5.75 1.70
C ASN A 25 -18.65 5.69 3.22
N PRO A 26 -17.66 6.18 3.99
CA PRO A 26 -17.80 6.15 5.46
C PRO A 26 -19.02 6.88 5.98
N SER A 27 -19.51 7.87 5.23
CA SER A 27 -20.68 8.63 5.70
C SER A 27 -21.98 7.82 5.74
N ASN A 28 -22.12 6.76 4.90
CA ASN A 28 -23.36 6.00 4.88
C ASN A 28 -23.20 4.47 4.83
N GLY A 29 -21.97 3.97 4.88
CA GLY A 29 -21.65 2.55 4.88
C GLY A 29 -21.79 1.85 3.54
N SER A 30 -22.03 2.59 2.44
CA SER A 30 -22.26 1.94 1.15
C SER A 30 -21.02 1.58 0.41
N TRP A 31 -21.13 0.56 -0.43
CA TRP A 31 -20.06 0.18 -1.34
C TRP A 31 -20.58 0.33 -2.77
N LEU A 32 -19.78 0.88 -3.67
CA LEU A 32 -20.17 1.01 -5.07
C LEU A 32 -19.15 0.22 -5.87
N ARG A 33 -19.60 -0.55 -6.88
CA ARG A 33 -18.66 -1.25 -7.76
C ARG A 33 -18.53 -0.37 -8.98
N LEU A 34 -17.30 -0.02 -9.34
CA LEU A 34 -17.00 0.88 -10.42
C LEU A 34 -16.26 0.15 -11.54
N ALA A 35 -15.78 0.88 -12.55
CA ALA A 35 -15.15 0.24 -13.72
C ALA A 35 -13.97 -0.60 -13.32
N ASP A 36 -13.91 -1.83 -13.88
CA ASP A 36 -12.78 -2.71 -13.58
C ASP A 36 -11.51 -2.16 -14.15
N LEU A 37 -10.38 -2.49 -13.50
CA LEU A 37 -9.06 -2.24 -14.07
C LEU A 37 -8.98 -3.01 -15.44
N GLN A 38 -8.20 -2.46 -16.37
CA GLN A 38 -8.00 -3.05 -17.68
C GLN A 38 -7.23 -4.38 -17.59
N VAL A 39 -6.33 -4.50 -16.61
CA VAL A 39 -5.56 -5.73 -16.40
C VAL A 39 -5.66 -6.07 -14.89
N PRO A 40 -5.95 -7.32 -14.51
CA PRO A 40 -6.00 -7.64 -13.06
C PRO A 40 -4.63 -7.45 -12.42
N ARG A 41 -4.62 -7.09 -11.13
CA ARG A 41 -3.35 -6.94 -10.45
C ARG A 41 -3.53 -7.00 -8.97
N SER A 42 -2.58 -7.61 -8.29
CA SER A 42 -2.49 -7.60 -6.83
C SER A 42 -1.05 -7.11 -6.49
N GLY A 43 -0.84 -6.65 -5.26
CA GLY A 43 0.47 -6.12 -4.89
C GLY A 43 0.78 -4.76 -5.50
N LEU A 44 -0.25 -4.08 -5.98
CA LEU A 44 -0.15 -2.73 -6.52
C LEU A 44 -0.31 -1.73 -5.37
N ALA A 45 -0.09 -0.47 -5.69
CA ALA A 45 -0.39 0.59 -4.74
C ALA A 45 -1.28 1.59 -5.40
N GLY A 46 -2.09 2.27 -4.61
CA GLY A 46 -2.94 3.33 -5.14
C GLY A 46 -2.53 4.68 -4.56
N CYS A 47 -2.87 5.73 -5.26
CA CYS A 47 -2.62 7.09 -4.77
C CYS A 47 -3.49 8.07 -5.56
N VAL A 48 -3.54 9.33 -5.09
CA VAL A 48 -4.34 10.31 -5.79
C VAL A 48 -3.51 11.56 -6.06
N VAL A 49 -3.67 12.13 -7.25
CA VAL A 49 -3.05 13.41 -7.62
C VAL A 49 -4.10 14.18 -8.38
N GLY A 50 -4.42 15.40 -7.95
CA GLY A 50 -5.36 16.24 -8.69
C GLY A 50 -6.74 15.63 -8.87
N GLY A 51 -7.21 14.91 -7.87
CA GLY A 51 -8.53 14.29 -7.95
C GLY A 51 -8.59 13.02 -8.78
N LEU A 52 -7.44 12.57 -9.34
CA LEU A 52 -7.41 11.36 -10.14
C LEU A 52 -6.81 10.24 -9.36
N LEU A 53 -7.35 9.04 -9.50
CA LEU A 53 -6.84 7.86 -8.78
C LEU A 53 -5.85 7.14 -9.70
N TYR A 54 -4.69 6.78 -9.16
CA TYR A 54 -3.68 6.05 -9.92
C TYR A 54 -3.44 4.70 -9.30
N ALA A 55 -3.26 3.69 -10.15
CA ALA A 55 -2.95 2.30 -9.78
C ALA A 55 -1.57 2.08 -10.36
N VAL A 56 -0.63 1.70 -9.50
CA VAL A 56 0.78 1.60 -9.85
C VAL A 56 1.35 0.20 -9.56
N GLY A 57 2.04 -0.37 -10.53
CA GLY A 57 2.73 -1.64 -10.33
C GLY A 57 1.82 -2.81 -9.99
N GLY A 58 2.37 -3.76 -9.24
CA GLY A 58 1.67 -5.00 -8.93
C GLY A 58 2.08 -6.16 -9.82
N ARG A 59 1.24 -7.17 -9.88
CA ARG A 59 1.49 -8.37 -10.70
C ARG A 59 0.15 -9.03 -10.97
N ASN A 60 0.02 -9.60 -12.16
CA ASN A 60 -1.16 -10.38 -12.48
C ASN A 60 -0.81 -11.84 -12.27
N ASN A 61 -1.24 -12.42 -11.12
CA ASN A 61 -1.04 -13.84 -10.77
C ASN A 61 -2.32 -14.51 -11.22
N SER A 62 -2.30 -15.05 -12.44
CA SER A 62 -3.47 -15.58 -13.09
C SER A 62 -3.35 -17.08 -13.29
N PRO A 63 -4.44 -17.75 -13.73
CA PRO A 63 -4.33 -19.17 -14.05
C PRO A 63 -3.29 -19.43 -15.14
N ASP A 64 -3.05 -18.45 -16.05
CA ASP A 64 -2.09 -18.63 -17.14
C ASP A 64 -0.65 -18.20 -16.81
N GLY A 65 -0.37 -17.76 -15.59
CA GLY A 65 0.99 -17.37 -15.24
C GLY A 65 1.08 -16.12 -14.41
N ASN A 66 2.30 -15.69 -14.10
CA ASN A 66 2.58 -14.54 -13.27
C ASN A 66 3.26 -13.45 -14.09
N THR A 67 2.66 -12.26 -14.21
CA THR A 67 3.32 -11.22 -15.00
C THR A 67 3.42 -9.97 -14.10
N ASP A 68 4.65 -9.56 -13.76
CA ASP A 68 4.85 -8.36 -12.97
C ASP A 68 4.52 -7.14 -13.82
N SER A 69 4.00 -6.13 -13.16
CA SER A 69 3.55 -4.90 -13.84
C SER A 69 4.41 -3.68 -13.65
N SER A 70 4.71 -3.03 -14.79
CA SER A 70 5.32 -1.71 -14.72
C SER A 70 4.25 -0.60 -14.99
N ALA A 71 2.96 -0.97 -15.01
CA ALA A 71 1.94 -0.07 -15.43
C ALA A 71 1.56 1.00 -14.44
N LEU A 72 1.16 2.15 -15.02
CA LEU A 72 0.56 3.23 -14.30
C LEU A 72 -0.74 3.50 -15.03
N ASP A 73 -1.87 3.38 -14.31
CA ASP A 73 -3.18 3.62 -14.90
C ASP A 73 -3.91 4.65 -14.07
N CYS A 74 -4.74 5.47 -14.70
CA CYS A 74 -5.40 6.59 -14.07
C CYS A 74 -6.90 6.42 -14.17
N TYR A 75 -7.60 6.53 -13.05
CA TYR A 75 -9.05 6.47 -13.01
C TYR A 75 -9.64 7.86 -12.73
N ASN A 76 -10.61 8.30 -13.58
CA ASN A 76 -11.24 9.58 -13.35
C ASN A 76 -12.64 9.33 -12.84
N PRO A 77 -12.95 9.71 -11.60
CA PRO A 77 -14.32 9.51 -11.06
C PRO A 77 -15.40 10.23 -11.84
N MET A 78 -15.06 11.33 -12.53
CA MET A 78 -16.06 12.08 -13.30
C MET A 78 -16.53 11.34 -14.55
N THR A 79 -15.73 10.38 -15.08
CA THR A 79 -16.12 9.62 -16.27
C THR A 79 -16.31 8.12 -15.98
N ASN A 80 -15.80 7.63 -14.81
CA ASN A 80 -15.81 6.21 -14.48
C ASN A 80 -15.00 5.43 -15.52
N GLN A 81 -13.87 5.99 -15.97
CA GLN A 81 -13.02 5.33 -16.96
C GLN A 81 -11.57 5.31 -16.51
N TRP A 82 -10.88 4.20 -16.82
CA TRP A 82 -9.45 4.03 -16.64
C TRP A 82 -8.74 4.42 -17.94
N SER A 83 -7.58 5.05 -17.81
CA SER A 83 -6.75 5.43 -18.96
C SER A 83 -5.33 5.01 -18.65
N PRO A 84 -4.61 4.49 -19.63
CA PRO A 84 -3.20 4.14 -19.40
C PRO A 84 -2.30 5.38 -19.38
N CYS A 85 -1.25 5.35 -18.56
CA CYS A 85 -0.23 6.39 -18.52
C CYS A 85 1.09 5.75 -18.92
N ALA A 86 2.18 6.56 -18.95
CA ALA A 86 3.49 6.02 -19.21
C ALA A 86 3.86 4.96 -18.16
N SER A 87 4.52 3.91 -18.62
CA SER A 87 4.95 2.85 -17.72
C SER A 87 6.28 3.20 -17.06
N MET A 88 6.49 2.60 -15.88
CA MET A 88 7.74 2.77 -15.16
C MET A 88 8.90 2.08 -15.89
N SER A 89 10.13 2.35 -15.41
CA SER A 89 11.32 1.76 -15.99
C SER A 89 11.36 0.26 -15.87
N VAL A 90 10.76 -0.28 -14.83
CA VAL A 90 10.82 -1.69 -14.50
C VAL A 90 9.51 -2.11 -13.91
N PRO A 91 9.18 -3.42 -13.98
CA PRO A 91 8.02 -3.91 -13.22
C PRO A 91 8.28 -3.85 -11.73
N ARG A 92 7.22 -3.60 -10.97
CA ARG A 92 7.36 -3.51 -9.49
C ARG A 92 6.18 -4.16 -8.82
N ASN A 93 6.33 -5.44 -8.47
CA ASN A 93 5.30 -6.15 -7.66
C ASN A 93 5.56 -5.83 -6.19
N ARG A 94 4.50 -5.65 -5.42
CA ARG A 94 4.64 -5.35 -3.97
C ARG A 94 5.44 -4.07 -3.76
N ILE A 95 5.02 -3.06 -4.54
CA ILE A 95 5.59 -1.71 -4.55
C ILE A 95 4.99 -0.87 -3.40
N GLY A 96 5.68 0.21 -3.10
CA GLY A 96 5.11 1.25 -2.23
C GLY A 96 5.13 2.55 -2.99
N VAL A 97 4.12 3.43 -2.78
CA VAL A 97 4.11 4.72 -3.46
C VAL A 97 3.79 5.86 -2.50
N GLY A 98 4.26 7.05 -2.85
CA GLY A 98 3.97 8.25 -2.07
C GLY A 98 3.88 9.44 -3.01
N VAL A 99 3.03 10.40 -2.72
CA VAL A 99 2.90 11.61 -3.52
C VAL A 99 3.51 12.79 -2.82
N ILE A 100 4.38 13.54 -3.52
CA ILE A 100 4.95 14.79 -2.96
C ILE A 100 4.85 15.83 -4.03
N ASP A 101 4.25 16.98 -3.71
CA ASP A 101 4.14 18.13 -4.59
C ASP A 101 3.61 17.76 -5.99
N GLY A 102 2.59 16.91 -6.03
CA GLY A 102 1.98 16.55 -7.31
C GLY A 102 2.70 15.51 -8.12
N HIS A 103 3.74 14.91 -7.57
CA HIS A 103 4.51 13.89 -8.27
C HIS A 103 4.37 12.54 -7.53
N ILE A 104 4.37 11.45 -8.26
CA ILE A 104 4.24 10.11 -7.66
C ILE A 104 5.60 9.50 -7.54
N TYR A 105 5.99 9.02 -6.37
CA TYR A 105 7.24 8.28 -6.21
C TYR A 105 6.91 6.81 -6.06
N ALA A 106 7.50 5.98 -6.89
CA ALA A 106 7.36 4.53 -6.91
C ALA A 106 8.59 3.94 -6.31
N VAL A 107 8.43 3.14 -5.26
CA VAL A 107 9.55 2.68 -4.49
C VAL A 107 9.65 1.18 -4.45
N GLY A 108 10.83 0.62 -4.72
CA GLY A 108 11.05 -0.79 -4.45
C GLY A 108 10.20 -1.76 -5.27
N GLY A 109 9.80 -2.84 -4.63
CA GLY A 109 9.06 -3.90 -5.33
C GLY A 109 9.94 -4.91 -6.04
N SER A 110 9.35 -5.94 -6.60
CA SER A 110 10.11 -7.02 -7.23
C SER A 110 9.78 -7.20 -8.68
N HIS A 111 10.72 -7.81 -9.41
CA HIS A 111 10.50 -8.22 -10.81
C HIS A 111 11.11 -9.62 -10.85
N GLY A 112 10.28 -10.68 -10.78
CA GLY A 112 10.82 -12.03 -10.68
C GLY A 112 11.59 -12.15 -9.37
N CYS A 113 12.83 -12.66 -9.43
CA CYS A 113 13.65 -12.76 -8.23
C CYS A 113 14.43 -11.48 -7.93
N ILE A 114 14.30 -10.42 -8.75
CA ILE A 114 14.99 -9.15 -8.50
C ILE A 114 14.21 -8.35 -7.49
N HIS A 115 14.87 -7.97 -6.39
CA HIS A 115 14.24 -7.13 -5.34
C HIS A 115 14.85 -5.74 -5.48
N HIS A 116 14.02 -4.77 -5.82
CA HIS A 116 14.56 -3.43 -6.14
C HIS A 116 14.91 -2.54 -4.96
N SER A 117 16.04 -1.81 -5.11
CA SER A 117 16.24 -0.62 -4.26
C SER A 117 15.90 0.65 -5.07
N SER A 118 15.66 0.54 -6.38
CA SER A 118 15.43 1.73 -7.21
C SER A 118 14.11 2.39 -6.89
N VAL A 119 14.11 3.73 -7.23
CA VAL A 119 12.99 4.62 -6.97
C VAL A 119 12.84 5.50 -8.16
N GLU A 120 11.59 5.72 -8.62
CA GLU A 120 11.38 6.62 -9.76
C GLU A 120 10.22 7.53 -9.51
N ARG A 121 10.16 8.68 -10.20
CA ARG A 121 9.19 9.73 -9.91
C ARG A 121 8.44 10.09 -11.19
N TYR A 122 7.10 10.16 -11.10
CA TYR A 122 6.21 10.46 -12.22
C TYR A 122 5.74 11.89 -12.12
N GLU A 123 5.80 12.59 -13.26
CA GLU A 123 5.28 13.92 -13.39
C GLU A 123 4.03 13.87 -14.27
N PRO A 124 2.84 14.04 -13.71
CA PRO A 124 1.63 13.99 -14.53
C PRO A 124 1.56 15.02 -15.64
N GLU A 125 2.14 16.20 -15.42
CA GLU A 125 2.08 17.27 -16.44
C GLU A 125 2.87 16.95 -17.69
N ARG A 126 3.86 16.06 -17.59
CA ARG A 126 4.66 15.66 -18.74
C ARG A 126 4.43 14.19 -19.15
N ASP A 127 3.70 13.39 -18.31
CA ASP A 127 3.48 11.95 -18.49
C ASP A 127 4.81 11.24 -18.66
N GLU A 128 5.72 11.49 -17.70
CA GLU A 128 7.06 10.93 -17.77
C GLU A 128 7.51 10.47 -16.40
N TRP A 129 8.23 9.35 -16.39
CA TRP A 129 8.89 8.84 -15.19
C TRP A 129 10.40 9.07 -15.31
N HIS A 130 11.04 9.37 -14.19
CA HIS A 130 12.49 9.48 -14.14
C HIS A 130 13.02 8.86 -12.88
N LEU A 131 14.13 8.14 -12.96
CA LEU A 131 14.74 7.54 -11.80
C LEU A 131 15.36 8.61 -10.89
N VAL A 132 15.23 8.40 -9.58
CA VAL A 132 15.87 9.25 -8.55
C VAL A 132 16.86 8.38 -7.77
N ALA A 133 17.48 8.89 -6.70
CA ALA A 133 18.44 8.08 -5.92
C ALA A 133 17.77 6.83 -5.38
N PRO A 134 18.43 5.68 -5.47
CA PRO A 134 17.83 4.47 -4.91
C PRO A 134 17.90 4.47 -3.38
N MET A 135 17.06 3.64 -2.77
CA MET A 135 17.12 3.44 -1.34
C MET A 135 18.44 2.77 -0.96
N LEU A 136 18.77 2.85 0.36
CA LEU A 136 19.96 2.18 0.85
C LEU A 136 19.75 0.67 0.98
N THR A 137 18.49 0.21 0.93
CA THR A 137 18.15 -1.19 1.13
C THR A 137 17.17 -1.62 0.03
N ARG A 138 17.30 -2.84 -0.48
CA ARG A 138 16.29 -3.39 -1.43
C ARG A 138 15.04 -3.72 -0.59
N ARG A 139 13.83 -3.34 -1.08
CA ARG A 139 12.63 -3.57 -0.29
C ARG A 139 11.48 -3.92 -1.17
N ILE A 140 10.88 -5.05 -0.93
CA ILE A 140 9.59 -5.44 -1.52
C ILE A 140 8.60 -5.61 -0.38
N GLY A 141 7.32 -5.41 -0.63
CA GLY A 141 6.34 -5.46 0.48
C GLY A 141 6.60 -4.29 1.45
N VAL A 142 7.11 -3.19 0.92
CA VAL A 142 7.49 -1.99 1.68
C VAL A 142 6.30 -1.09 1.84
N GLY A 143 6.24 -0.48 3.01
CA GLY A 143 5.19 0.48 3.30
C GLY A 143 5.75 1.88 3.05
N VAL A 144 4.99 2.74 2.34
CA VAL A 144 5.50 4.09 2.03
C VAL A 144 4.50 5.12 2.47
N ALA A 145 4.98 6.19 3.08
CA ALA A 145 4.09 7.30 3.40
C ALA A 145 4.82 8.63 3.32
N VAL A 146 4.05 9.71 3.21
CA VAL A 146 4.66 11.05 3.07
C VAL A 146 4.23 11.88 4.27
N LEU A 147 5.20 12.56 4.90
CA LEU A 147 4.90 13.45 6.01
C LEU A 147 5.77 14.67 5.83
N ASN A 148 5.16 15.86 5.82
CA ASN A 148 5.89 17.14 5.73
C ASN A 148 6.82 17.12 4.50
N ARG A 149 6.29 16.61 3.37
CA ARG A 149 7.02 16.63 2.10
C ARG A 149 8.33 15.85 2.14
N LEU A 150 8.38 14.82 3.01
CA LEU A 150 9.45 13.84 3.07
C LEU A 150 8.85 12.47 2.84
N LEU A 151 9.57 11.57 2.19
CA LEU A 151 9.06 10.24 1.80
C LEU A 151 9.68 9.18 2.69
N TYR A 152 8.88 8.28 3.28
CA TYR A 152 9.45 7.26 4.17
C TYR A 152 9.18 5.91 3.59
N ALA A 153 10.19 5.01 3.67
CA ALA A 153 10.01 3.62 3.21
C ALA A 153 10.24 2.74 4.43
N VAL A 154 9.27 1.90 4.79
CA VAL A 154 9.26 1.20 6.06
C VAL A 154 9.16 -0.30 5.91
N GLY A 155 10.08 -1.04 6.49
CA GLY A 155 10.01 -2.49 6.48
C GLY A 155 10.17 -3.12 5.10
N GLY A 156 9.60 -4.30 4.94
CA GLY A 156 9.68 -5.04 3.69
C GLY A 156 10.62 -6.22 3.76
N PHE A 157 11.00 -6.71 2.58
CA PHE A 157 11.82 -7.90 2.45
C PHE A 157 12.90 -7.58 1.42
N ASP A 158 14.17 -7.86 1.76
CA ASP A 158 15.28 -7.47 0.89
C ASP A 158 15.77 -8.54 -0.08
N GLY A 159 15.06 -9.66 -0.15
CA GLY A 159 15.49 -10.78 -0.98
C GLY A 159 15.97 -11.94 -0.12
N THR A 160 16.39 -11.67 1.14
CA THR A 160 16.90 -12.68 2.07
C THR A 160 16.23 -12.57 3.45
N ASN A 161 16.09 -11.35 3.97
CA ASN A 161 15.51 -11.14 5.29
C ASN A 161 14.36 -10.17 5.28
N ARG A 162 13.39 -10.39 6.18
CA ARG A 162 12.34 -9.39 6.42
C ARG A 162 12.96 -8.34 7.34
N LEU A 163 12.50 -7.12 7.20
CA LEU A 163 13.17 -5.97 7.81
C LEU A 163 12.39 -5.28 8.89
N ASN A 164 13.12 -4.80 9.92
CA ASN A 164 12.52 -3.81 10.82
C ASN A 164 13.04 -2.41 10.49
N SER A 165 13.90 -2.27 9.46
CA SER A 165 14.50 -0.98 9.17
C SER A 165 13.59 -0.07 8.38
N ALA A 166 13.89 1.24 8.43
CA ALA A 166 13.15 2.24 7.67
C ALA A 166 14.07 3.36 7.26
N GLU A 167 13.71 4.11 6.22
CA GLU A 167 14.56 5.19 5.75
C GLU A 167 13.73 6.31 5.19
N CYS A 168 14.33 7.49 5.03
CA CYS A 168 13.61 8.67 4.60
C CYS A 168 14.35 9.31 3.41
N TYR A 169 13.59 9.79 2.43
CA TYR A 169 14.14 10.48 1.27
C TYR A 169 13.86 11.96 1.41
N TYR A 170 14.93 12.76 1.18
CA TYR A 170 14.93 14.21 1.31
C TYR A 170 15.06 14.72 -0.13
N PRO A 171 13.96 15.11 -0.79
CA PRO A 171 14.01 15.37 -2.23
C PRO A 171 15.01 16.43 -2.66
N GLU A 172 15.14 17.50 -1.90
CA GLU A 172 16.09 18.57 -2.29
C GLU A 172 17.54 18.16 -2.20
N ARG A 173 17.86 17.06 -1.54
CA ARG A 173 19.25 16.57 -1.49
C ARG A 173 19.34 15.26 -2.32
N ASN A 174 18.21 14.74 -2.86
CA ASN A 174 18.12 13.47 -3.61
C ASN A 174 18.93 12.39 -2.86
N GLU A 175 18.59 12.26 -1.58
CA GLU A 175 19.35 11.41 -0.70
C GLU A 175 18.43 10.66 0.25
N TRP A 176 18.77 9.39 0.50
CA TRP A 176 18.08 8.57 1.48
C TRP A 176 18.93 8.42 2.72
N ARG A 177 18.27 8.44 3.89
CA ARG A 177 18.98 8.23 5.15
C ARG A 177 18.17 7.28 6.02
N MET A 178 18.85 6.36 6.72
CA MET A 178 18.13 5.50 7.66
C MET A 178 17.50 6.31 8.80
N ILE A 179 16.33 5.87 9.22
CA ILE A 179 15.71 6.40 10.43
C ILE A 179 15.77 5.31 11.50
N THR A 180 15.28 5.60 12.72
CA THR A 180 15.23 4.58 13.76
C THR A 180 14.46 3.34 13.28
N PRO A 181 14.97 2.13 13.46
CA PRO A 181 14.18 0.95 13.06
C PRO A 181 12.94 0.76 13.95
N MET A 182 11.93 0.08 13.36
CA MET A 182 10.75 -0.29 14.13
C MET A 182 11.12 -1.31 15.24
N ASN A 183 10.23 -1.43 16.21
CA ASN A 183 10.40 -2.43 17.26
C ASN A 183 10.07 -3.84 16.76
N THR A 184 9.39 -3.99 15.61
CA THR A 184 9.00 -5.29 15.08
C THR A 184 9.44 -5.37 13.64
N ILE A 185 9.87 -6.57 13.24
CA ILE A 185 10.13 -6.86 11.82
C ILE A 185 8.78 -6.93 11.12
N ARG A 186 8.59 -6.18 9.99
CA ARG A 186 7.33 -6.21 9.27
C ARG A 186 7.55 -6.14 7.79
N SER A 187 7.06 -7.15 7.07
CA SER A 187 6.98 -7.10 5.63
C SER A 187 5.48 -7.18 5.31
N GLY A 188 4.99 -6.41 4.34
CA GLY A 188 3.55 -6.46 4.04
C GLY A 188 2.70 -5.70 5.04
N ALA A 189 3.29 -4.72 5.75
CA ALA A 189 2.50 -3.92 6.66
C ALA A 189 1.75 -2.85 5.88
N GLY A 190 0.73 -2.25 6.51
CA GLY A 190 0.14 -1.03 5.94
C GLY A 190 0.79 0.16 6.62
N VAL A 191 1.22 1.16 5.82
CA VAL A 191 1.91 2.33 6.36
C VAL A 191 1.17 3.58 5.93
N CYS A 192 0.94 4.49 6.86
CA CYS A 192 0.24 5.74 6.54
C CYS A 192 0.70 6.84 7.49
N VAL A 193 0.15 8.06 7.35
CA VAL A 193 0.52 9.16 8.25
C VAL A 193 -0.71 9.75 8.89
N LEU A 194 -0.59 10.06 10.15
CA LEU A 194 -1.67 10.67 10.87
C LEU A 194 -1.09 11.56 11.89
N HIS A 195 -1.45 12.83 11.74
CA HIS A 195 -0.95 13.93 12.51
C HIS A 195 0.58 14.07 12.19
N ASN A 196 1.44 13.94 13.14
CA ASN A 196 2.86 14.04 12.95
C ASN A 196 3.55 12.69 13.05
N CYS A 197 2.80 11.57 12.82
CA CYS A 197 3.39 10.26 12.98
C CYS A 197 3.22 9.39 11.76
N ILE A 198 4.19 8.50 11.52
CA ILE A 198 4.10 7.44 10.51
C ILE A 198 3.66 6.15 11.20
N TYR A 199 2.54 5.60 10.82
CA TYR A 199 2.03 4.37 11.44
C TYR A 199 2.37 3.17 10.59
N ALA A 200 2.73 2.08 11.23
CA ALA A 200 2.97 0.81 10.58
C ALA A 200 2.06 -0.25 11.25
N ALA A 201 1.10 -0.75 10.49
CA ALA A 201 0.09 -1.72 11.02
C ALA A 201 0.18 -3.07 10.38
N GLY A 202 0.18 -4.11 11.20
CA GLY A 202 0.15 -5.47 10.65
C GLY A 202 1.44 -5.84 9.95
N GLY A 203 1.29 -6.73 9.00
CA GLY A 203 2.42 -7.26 8.28
C GLY A 203 2.77 -8.65 8.81
N TYR A 204 3.91 -9.14 8.37
CA TYR A 204 4.38 -10.48 8.68
C TYR A 204 5.80 -10.38 9.19
N ASP A 205 6.09 -11.04 10.33
CA ASP A 205 7.40 -10.90 10.96
C ASP A 205 8.39 -12.02 10.65
N GLY A 206 8.02 -12.94 9.77
CA GLY A 206 8.83 -14.11 9.48
C GLY A 206 8.20 -15.37 10.04
N GLN A 207 7.32 -15.22 11.04
CA GLN A 207 6.69 -16.36 11.69
C GLN A 207 5.17 -16.24 11.71
N ASP A 208 4.64 -15.02 11.91
CA ASP A 208 3.19 -14.86 12.07
C ASP A 208 2.70 -13.57 11.46
N GLN A 209 1.43 -13.52 11.01
CA GLN A 209 0.81 -12.26 10.59
C GLN A 209 0.55 -11.48 11.89
N LEU A 210 0.68 -10.16 11.87
CA LEU A 210 0.62 -9.34 13.06
C LEU A 210 -0.65 -8.52 13.18
N ASN A 211 -1.12 -8.32 14.41
CA ASN A 211 -2.16 -7.34 14.70
C ASN A 211 -1.56 -6.07 15.35
N SER A 212 -0.24 -6.05 15.66
CA SER A 212 0.34 -4.89 16.34
C SER A 212 0.47 -3.70 15.38
N VAL A 213 0.48 -2.53 15.99
CA VAL A 213 0.56 -1.25 15.29
C VAL A 213 1.55 -0.37 16.05
N GLU A 214 2.49 0.24 15.35
CA GLU A 214 3.42 1.18 15.97
C GLU A 214 3.53 2.46 15.16
N ARG A 215 3.88 3.54 15.82
CA ARG A 215 3.98 4.82 15.12
C ARG A 215 5.28 5.53 15.44
N TYR A 216 5.81 6.22 14.42
CA TYR A 216 7.09 6.92 14.46
C TYR A 216 6.78 8.39 14.55
N ASP A 217 7.24 9.04 15.61
CA ASP A 217 7.10 10.49 15.77
C ASP A 217 8.33 11.12 15.14
N VAL A 218 8.14 11.89 14.04
CA VAL A 218 9.29 12.41 13.30
C VAL A 218 10.12 13.42 14.11
N GLU A 219 9.58 14.02 15.15
CA GLU A 219 10.34 14.97 15.97
C GLU A 219 11.16 14.21 17.02
N THR A 220 10.59 13.19 17.65
CA THR A 220 11.30 12.43 18.69
C THR A 220 12.15 11.28 18.19
N GLU A 221 11.92 10.83 16.94
CA GLU A 221 12.64 9.71 16.33
C GLU A 221 12.41 8.38 17.07
N THR A 222 11.27 8.24 17.72
CA THR A 222 10.96 6.99 18.42
C THR A 222 9.73 6.32 17.86
N TRP A 223 9.70 4.99 17.98
CA TRP A 223 8.53 4.22 17.61
C TRP A 223 7.82 3.81 18.88
N THR A 224 6.49 3.95 18.90
CA THR A 224 5.69 3.57 20.07
C THR A 224 4.52 2.70 19.61
N PHE A 225 4.23 1.60 20.33
CA PHE A 225 3.04 0.81 20.01
C PHE A 225 1.78 1.51 20.47
N VAL A 226 0.73 1.40 19.67
CA VAL A 226 -0.61 1.86 19.99
C VAL A 226 -1.49 0.61 20.15
N ALA A 227 -2.82 0.76 20.27
CA ALA A 227 -3.70 -0.39 20.41
C ALA A 227 -3.58 -1.29 19.18
N PRO A 228 -3.50 -2.61 19.37
CA PRO A 228 -3.49 -3.52 18.23
C PRO A 228 -4.83 -3.60 17.53
N MET A 229 -4.77 -3.98 16.26
CA MET A 229 -6.00 -4.22 15.49
C MET A 229 -6.70 -5.45 16.06
N ARG A 230 -7.97 -5.57 15.80
CA ARG A 230 -8.73 -6.74 16.21
C ARG A 230 -8.25 -7.97 15.44
N HIS A 231 -7.96 -7.80 14.16
CA HIS A 231 -7.54 -8.90 13.31
C HIS A 231 -6.09 -8.81 12.92
N HIS A 232 -5.37 -9.93 13.03
CA HIS A 232 -4.00 -10.01 12.49
C HIS A 232 -4.12 -9.98 10.97
N ARG A 233 -3.23 -9.25 10.30
CA ARG A 233 -3.32 -9.15 8.85
C ARG A 233 -2.04 -8.72 8.23
N SER A 234 -1.79 -9.25 7.04
CA SER A 234 -0.64 -8.89 6.24
C SER A 234 -1.15 -8.62 4.82
N ALA A 235 -0.43 -7.81 4.03
CA ALA A 235 -0.85 -7.42 2.66
C ALA A 235 -2.25 -6.76 2.71
N LEU A 236 -2.42 -5.88 3.71
CA LEU A 236 -3.66 -5.14 3.91
C LEU A 236 -3.57 -3.84 3.08
N GLY A 237 -4.73 -3.24 2.82
CA GLY A 237 -4.78 -1.88 2.31
C GLY A 237 -4.96 -0.93 3.51
N ILE A 238 -4.51 0.30 3.34
CA ILE A 238 -4.61 1.29 4.40
C ILE A 238 -4.78 2.65 3.83
N THR A 239 -5.54 3.48 4.54
CA THR A 239 -5.64 4.89 4.17
C THR A 239 -6.11 5.68 5.37
N VAL A 240 -6.08 7.01 5.26
CA VAL A 240 -6.57 7.91 6.29
C VAL A 240 -7.73 8.66 5.71
N HIS A 241 -8.79 8.81 6.52
CA HIS A 241 -9.94 9.59 6.08
C HIS A 241 -10.49 10.29 7.30
N GLN A 242 -10.60 11.65 7.25
CA GLN A 242 -11.09 12.49 8.33
C GLN A 242 -10.52 12.11 9.70
N GLY A 243 -9.21 12.00 9.73
CA GLY A 243 -8.50 11.85 10.99
C GLY A 243 -8.46 10.47 11.58
N LYS A 244 -8.92 9.48 10.83
CA LYS A 244 -8.93 8.10 11.30
C LYS A 244 -8.24 7.22 10.28
N ILE A 245 -7.61 6.15 10.75
CA ILE A 245 -6.97 5.19 9.85
C ILE A 245 -7.94 4.09 9.53
N TYR A 246 -8.01 3.68 8.28
CA TYR A 246 -8.81 2.53 7.86
C TYR A 246 -7.89 1.47 7.31
N VAL A 247 -8.06 0.22 7.77
CA VAL A 247 -7.31 -0.93 7.21
C VAL A 247 -8.34 -1.83 6.52
N LEU A 248 -7.95 -2.34 5.35
CA LEU A 248 -8.87 -3.12 4.52
C LEU A 248 -8.30 -4.43 4.10
N GLY A 249 -8.99 -5.50 4.45
CA GLY A 249 -8.62 -6.83 3.99
C GLY A 249 -7.27 -7.31 4.44
N GLY A 250 -6.64 -8.16 3.60
CA GLY A 250 -5.39 -8.77 3.94
C GLY A 250 -5.51 -10.27 4.08
N TYR A 251 -4.44 -10.88 4.50
CA TYR A 251 -4.38 -12.31 4.71
C TYR A 251 -3.92 -12.56 6.15
N ASP A 252 -4.58 -13.48 6.85
CA ASP A 252 -4.23 -13.76 8.26
C ASP A 252 -3.67 -15.18 8.49
N GLY A 253 -3.26 -15.84 7.41
CA GLY A 253 -2.75 -17.20 7.48
C GLY A 253 -3.84 -18.25 7.42
N HIS A 254 -5.11 -17.82 7.28
CA HIS A 254 -6.23 -18.76 7.25
C HIS A 254 -7.31 -18.29 6.27
N THR A 255 -7.57 -17.02 6.27
CA THR A 255 -8.65 -16.43 5.53
C THR A 255 -8.14 -15.19 4.79
N PHE A 256 -8.77 -14.88 3.68
CA PHE A 256 -8.58 -13.62 2.98
C PHE A 256 -9.65 -12.76 3.61
N LEU A 257 -9.24 -11.76 4.39
CA LEU A 257 -10.16 -10.97 5.14
C LEU A 257 -11.00 -10.03 4.34
N ASP A 258 -12.26 -9.92 4.73
CA ASP A 258 -13.16 -8.90 4.25
C ASP A 258 -13.29 -7.77 5.32
N SER A 259 -12.69 -7.92 6.51
CA SER A 259 -12.80 -6.93 7.57
C SER A 259 -12.16 -5.57 7.24
N VAL A 260 -12.87 -4.49 7.57
CA VAL A 260 -12.38 -3.10 7.49
C VAL A 260 -12.47 -2.55 8.91
N GLU A 261 -11.32 -2.21 9.49
CA GLU A 261 -11.24 -1.64 10.81
C GLU A 261 -10.84 -0.17 10.73
N CYS A 262 -11.23 0.60 11.73
CA CYS A 262 -11.00 2.04 11.76
C CYS A 262 -10.39 2.36 13.12
N TYR A 263 -9.23 3.04 13.13
CA TYR A 263 -8.56 3.46 14.34
C TYR A 263 -8.87 4.92 14.65
N ASP A 264 -9.29 5.19 15.88
CA ASP A 264 -9.51 6.56 16.36
C ASP A 264 -8.32 6.89 17.28
N PRO A 265 -7.46 7.84 16.89
CA PRO A 265 -6.27 8.13 17.71
C PRO A 265 -6.58 8.80 19.04
N ASP A 266 -7.71 9.49 19.13
CA ASP A 266 -8.04 10.19 20.37
C ASP A 266 -8.40 9.24 21.49
N SER A 267 -9.13 8.16 21.17
CA SER A 267 -9.47 7.13 22.15
C SER A 267 -8.50 5.93 22.14
N ASP A 268 -7.60 5.86 21.14
CA ASP A 268 -6.67 4.72 20.96
C ASP A 268 -7.44 3.41 20.88
N THR A 269 -8.46 3.38 20.01
CA THR A 269 -9.27 2.17 19.88
C THR A 269 -9.52 1.90 18.41
N TRP A 270 -9.67 0.62 18.10
CA TRP A 270 -10.02 0.15 16.76
C TRP A 270 -11.44 -0.38 16.81
N SER A 271 -12.19 -0.15 15.74
N SER A 271 -12.20 -0.16 15.73
CA SER A 271 -13.55 -0.67 15.63
CA SER A 271 -13.55 -0.68 15.63
C SER A 271 -13.81 -1.22 14.22
C SER A 271 -13.81 -1.22 14.22
N GLU A 272 -14.70 -2.20 14.09
CA GLU A 272 -15.05 -2.75 12.79
C GLU A 272 -16.07 -1.81 12.19
N VAL A 273 -15.92 -1.36 10.93
CA VAL A 273 -16.88 -0.37 10.40
C VAL A 273 -17.71 -0.87 9.24
N THR A 274 -17.23 -1.86 8.53
CA THR A 274 -17.91 -2.42 7.36
C THR A 274 -17.12 -3.67 6.95
N ARG A 275 -17.67 -4.45 6.05
CA ARG A 275 -16.93 -5.55 5.45
C ARG A 275 -16.84 -5.24 3.98
N MET A 276 -15.72 -5.63 3.35
CA MET A 276 -15.59 -5.56 1.91
C MET A 276 -16.59 -6.56 1.29
N THR A 277 -16.92 -6.38 0.01
CA THR A 277 -17.90 -7.26 -0.64
C THR A 277 -17.42 -8.72 -0.74
N SER A 278 -16.09 -8.92 -0.71
CA SER A 278 -15.48 -10.25 -0.67
C SER A 278 -14.06 -10.07 -0.10
N GLY A 279 -13.56 -11.09 0.58
CA GLY A 279 -12.22 -11.07 1.15
C GLY A 279 -11.12 -11.06 0.09
N ARG A 280 -10.05 -10.33 0.33
CA ARG A 280 -8.92 -10.26 -0.62
C ARG A 280 -7.71 -9.64 0.05
N SER A 281 -6.52 -9.93 -0.49
CA SER A 281 -5.29 -9.31 -0.02
C SER A 281 -4.64 -8.49 -1.16
N GLY A 282 -3.61 -7.72 -0.82
CA GLY A 282 -2.83 -7.01 -1.82
C GLY A 282 -3.54 -5.97 -2.65
N VAL A 283 -4.48 -5.25 -2.04
CA VAL A 283 -5.19 -4.18 -2.72
C VAL A 283 -4.39 -2.87 -2.77
N GLY A 284 -4.74 -1.99 -3.69
CA GLY A 284 -4.28 -0.59 -3.70
C GLY A 284 -5.41 0.26 -3.17
N VAL A 285 -5.13 1.23 -2.27
CA VAL A 285 -6.20 2.05 -1.68
C VAL A 285 -5.85 3.51 -1.73
N ALA A 286 -6.84 4.37 -1.94
CA ALA A 286 -6.64 5.83 -1.83
C ALA A 286 -8.00 6.50 -1.67
N VAL A 287 -8.00 7.77 -1.32
CA VAL A 287 -9.22 8.55 -1.10
C VAL A 287 -9.34 9.66 -2.10
N THR A 288 -10.52 9.77 -2.76
CA THR A 288 -10.80 10.89 -3.67
C THR A 288 -12.33 11.13 -3.72
N MET A 289 -12.79 12.09 -4.54
CA MET A 289 -14.21 12.43 -4.66
C MET A 289 -15.07 11.29 -5.19
N GLU A 290 -16.39 11.30 -4.85
CA GLU A 290 -17.38 10.33 -5.32
C GLU A 290 -17.47 10.38 -6.85
N PRO A 291 -17.77 9.24 -7.50
CA PRO A 291 -17.85 9.24 -8.96
C PRO A 291 -19.17 9.77 -9.52
N CYS B 2 -0.95 -23.85 3.55
CA CYS B 2 0.21 -24.66 3.23
C CYS B 2 1.44 -23.86 2.80
N LEU B 3 2.60 -24.53 2.74
CA LEU B 3 3.81 -23.92 2.24
C LEU B 3 3.89 -23.77 0.72
N GLN B 4 2.78 -24.06 0.02
CA GLN B 4 2.57 -23.56 -1.33
C GLN B 4 1.98 -22.16 -1.45
N LEU B 5 1.71 -21.53 -0.30
CA LEU B 5 1.23 -20.15 -0.28
C LEU B 5 2.34 -19.21 0.22
N ASP B 6 2.39 -18.00 -0.34
CA ASP B 6 3.19 -16.92 0.24
C ASP B 6 2.54 -16.51 1.58
N PRO B 7 3.25 -16.65 2.71
CA PRO B 7 2.63 -16.36 4.02
C PRO B 7 2.32 -14.89 4.26
N GLU B 8 2.94 -14.00 3.46
CA GLU B 8 2.65 -12.57 3.56
C GLU B 8 1.38 -12.15 2.85
N THR B 9 1.11 -12.78 1.70
CA THR B 9 0.04 -12.35 0.83
C THR B 9 -1.09 -13.38 0.67
N GLY B 10 -0.79 -14.65 0.96
CA GLY B 10 -1.71 -15.72 0.67
C GLY B 10 -1.69 -16.25 -0.76
N GLU B 11 -0.90 -15.63 -1.65
CA GLU B 11 -0.92 -16.03 -3.05
C GLU B 11 -0.28 -17.37 -3.27
N CYS B 12 -0.88 -18.14 -4.18
CA CYS B 12 -0.31 -19.39 -4.67
C CYS B 12 0.99 -19.08 -5.40
N LEU B 13 2.04 -19.83 -5.07
CA LEU B 13 3.38 -19.43 -5.46
C LEU B 13 3.61 -19.58 -6.97
#